data_5AO9
#
_entry.id   5AO9
#
_cell.length_a   61.640
_cell.length_b   71.070
_cell.length_c   75.840
_cell.angle_alpha   90.00
_cell.angle_beta   90.00
_cell.angle_gamma   90.00
#
_symmetry.space_group_name_H-M   'P 21 21 21'
#
loop_
_entity.id
_entity.type
_entity.pdbx_description
1 polymer ESTERASE
2 non-polymer '4-(2-HYDROXYETHYL)-1-PIPERAZINE ETHANESULFONIC ACID'
3 non-polymer 3,6,9,12,15,18,21-HEPTAOXATRICOSANE-1,23-DIOL
4 non-polymer DI(HYDROXYETHYL)ETHER
5 non-polymer 'TRIETHYLENE GLYCOL'
6 non-polymer 1,2-ETHANEDIOL
7 non-polymer 'CHLORIDE ION'
8 water water
#
_entity_poly.entity_id   1
_entity_poly.type   'polypeptide(L)'
_entity_poly.pdbx_seq_one_letter_code
;AEVGRLRYPPEMPGAEVKVYKKVDNVDLKLYIYKPADWKPADRRSAIVFFFGGGWQSGSPAQFRPQCEYFAGRGMVAMAA
DYRVGSRHNVKVADCVADAKSAIRWVRQHAAELGVDPQKIVASGGSAGGHLAACTVMVPDLEAPEEDHTISSQANAAILF
NPVLILSREGLKDHVPRQDWEERLRERLGTEPKAVSPYHHIRAGLPPMIIFHGTADNTVPFETIRLFAEAMKKAGNRCEL
VPFEGAAHGFFNFGRGDNLAYQKTLELADEFLVEIGFLAPKGESQP
;
_entity_poly.pdbx_strand_id   A
#
loop_
_chem_comp.id
_chem_comp.type
_chem_comp.name
_chem_comp.formula
CL non-polymer 'CHLORIDE ION' 'Cl -1'
EDO non-polymer 1,2-ETHANEDIOL 'C2 H6 O2'
EPE non-polymer '4-(2-HYDROXYETHYL)-1-PIPERAZINE ETHANESULFONIC ACID' 'C8 H18 N2 O4 S'
PE8 non-polymer 3,6,9,12,15,18,21-HEPTAOXATRICOSANE-1,23-DIOL 'C16 H34 O9'
PEG non-polymer DI(HYDROXYETHYL)ETHER 'C4 H10 O3'
PGE non-polymer 'TRIETHYLENE GLYCOL' 'C6 H14 O4'
#
# COMPACT_ATOMS: atom_id res chain seq x y z
N ALA A 1 -11.07 -15.47 -4.73
CA ALA A 1 -10.69 -16.81 -5.27
C ALA A 1 -9.75 -16.70 -6.48
N GLU A 2 -10.10 -15.83 -7.43
CA GLU A 2 -9.27 -15.60 -8.63
C GLU A 2 -7.88 -15.08 -8.24
N VAL A 3 -7.87 -14.05 -7.40
CA VAL A 3 -6.65 -13.48 -6.80
C VAL A 3 -5.85 -14.59 -6.10
N GLY A 4 -6.56 -15.49 -5.39
CA GLY A 4 -5.96 -16.68 -4.77
C GLY A 4 -5.26 -17.70 -5.70
N ARG A 5 -5.58 -17.68 -7.00
CA ARG A 5 -4.94 -18.55 -8.01
C ARG A 5 -3.73 -17.92 -8.72
N LEU A 6 -3.33 -16.71 -8.31
CA LEU A 6 -2.19 -16.02 -8.93
C LEU A 6 -0.87 -16.71 -8.66
N ARG A 7 0.05 -16.59 -9.60
CA ARG A 7 1.34 -17.29 -9.50
C ARG A 7 2.35 -16.54 -8.64
N TYR A 8 3.10 -17.29 -7.83
CA TYR A 8 4.27 -16.78 -7.15
C TYR A 8 5.49 -17.68 -7.35
N PRO A 9 6.63 -17.16 -7.80
CA PRO A 9 6.79 -15.76 -8.26
C PRO A 9 6.06 -15.50 -9.58
N PRO A 10 5.60 -14.28 -9.80
CA PRO A 10 4.87 -13.98 -11.06
C PRO A 10 5.79 -13.71 -12.26
N GLU A 11 5.26 -13.82 -13.50
CA GLU A 11 6.07 -13.50 -14.70
CA GLU A 11 6.04 -13.50 -14.71
C GLU A 11 6.23 -12.00 -14.83
N MET A 12 5.11 -11.29 -14.66
CA MET A 12 5.08 -9.82 -14.80
C MET A 12 5.67 -9.43 -16.15
N PRO A 13 5.00 -9.87 -17.23
CA PRO A 13 5.57 -9.56 -18.55
C PRO A 13 5.69 -8.06 -18.80
N GLY A 14 6.83 -7.68 -19.35
CA GLY A 14 7.13 -6.30 -19.66
C GLY A 14 7.71 -5.52 -18.50
N ALA A 15 7.81 -6.13 -17.31
CA ALA A 15 8.35 -5.42 -16.15
C ALA A 15 9.85 -5.56 -16.09
N GLU A 16 10.53 -4.51 -15.62
CA GLU A 16 11.93 -4.57 -15.25
C GLU A 16 11.98 -5.01 -13.80
N VAL A 17 12.92 -5.88 -13.47
CA VAL A 17 13.02 -6.43 -12.12
C VAL A 17 14.22 -5.85 -11.42
N LYS A 18 14.00 -5.31 -10.23
CA LYS A 18 15.06 -4.84 -9.34
C LYS A 18 14.90 -5.46 -7.97
N VAL A 19 16.01 -5.83 -7.34
CA VAL A 19 15.98 -6.30 -5.95
C VAL A 19 16.10 -5.08 -5.05
N TYR A 20 15.09 -4.85 -4.20
CA TYR A 20 15.09 -3.69 -3.32
C TYR A 20 15.60 -4.04 -1.94
N LYS A 21 15.63 -5.32 -1.60
CA LYS A 21 16.02 -5.75 -0.26
C LYS A 21 16.46 -7.20 -0.27
N LYS A 22 17.58 -7.44 0.42
CA LYS A 22 18.10 -8.78 0.66
CA LYS A 22 18.11 -8.79 0.66
C LYS A 22 17.98 -9.02 2.15
N VAL A 23 17.24 -10.05 2.51
CA VAL A 23 16.88 -10.30 3.91
C VAL A 23 16.49 -11.77 4.08
N ASP A 24 16.91 -12.40 5.18
CA ASP A 24 16.58 -13.81 5.45
C ASP A 24 16.91 -14.71 4.25
N ASN A 25 18.01 -14.42 3.57
CA ASN A 25 18.43 -15.11 2.35
CA ASN A 25 18.43 -15.16 2.36
C ASN A 25 17.41 -15.14 1.20
N VAL A 26 16.54 -14.12 1.15
CA VAL A 26 15.67 -13.91 -0.02
C VAL A 26 15.92 -12.54 -0.59
N ASP A 27 15.83 -12.48 -1.92
CA ASP A 27 15.88 -11.25 -2.67
C ASP A 27 14.44 -10.79 -2.90
N LEU A 28 14.07 -9.66 -2.30
CA LEU A 28 12.74 -9.11 -2.49
C LEU A 28 12.77 -8.17 -3.69
N LYS A 29 11.85 -8.40 -4.62
CA LYS A 29 11.86 -7.68 -5.89
CA LYS A 29 11.85 -7.71 -5.92
C LYS A 29 10.75 -6.66 -6.07
N LEU A 30 11.04 -5.65 -6.87
CA LEU A 30 10.10 -4.70 -7.44
C LEU A 30 9.97 -5.00 -8.92
N TYR A 31 8.75 -5.01 -9.41
CA TYR A 31 8.44 -5.25 -10.82
C TYR A 31 7.98 -3.92 -11.38
N ILE A 32 8.82 -3.31 -12.22
CA ILE A 32 8.74 -1.90 -12.57
C ILE A 32 8.21 -1.72 -14.00
N TYR A 33 7.16 -0.94 -14.13
CA TYR A 33 6.56 -0.59 -15.42
C TYR A 33 6.81 0.87 -15.70
N LYS A 34 7.51 1.14 -16.80
CA LYS A 34 7.77 2.51 -17.21
C LYS A 34 6.90 2.92 -18.39
N PRO A 35 6.56 4.20 -18.46
CA PRO A 35 5.84 4.75 -19.63
C PRO A 35 6.65 4.57 -20.91
N ALA A 36 5.96 4.47 -22.05
CA ALA A 36 6.64 4.30 -23.34
C ALA A 36 7.65 5.40 -23.68
N ASP A 37 7.40 6.62 -23.21
CA ASP A 37 8.31 7.76 -23.41
C ASP A 37 9.30 8.06 -22.27
N TRP A 38 9.50 7.08 -21.38
CA TRP A 38 10.42 7.25 -20.27
C TRP A 38 11.83 7.53 -20.75
N LYS A 39 12.47 8.50 -20.10
CA LYS A 39 13.88 8.79 -20.28
CA LYS A 39 13.89 8.80 -20.29
C LYS A 39 14.55 9.02 -18.94
N PRO A 40 15.85 8.64 -18.84
N PRO A 40 15.86 8.72 -18.79
CA PRO A 40 16.59 9.04 -17.67
CA PRO A 40 16.56 8.77 -17.47
C PRO A 40 16.59 10.55 -17.62
C PRO A 40 16.35 9.98 -16.53
N ALA A 41 16.53 11.10 -16.41
N ALA A 41 16.47 11.22 -17.02
CA ALA A 41 16.39 12.52 -16.23
CA ALA A 41 16.38 12.38 -16.15
C ALA A 41 14.92 12.93 -15.99
C ALA A 41 14.94 12.89 -15.97
N ASP A 42 13.95 12.05 -16.32
CA ASP A 42 12.54 12.31 -15.96
C ASP A 42 12.36 12.47 -14.46
N ARG A 43 11.29 13.19 -14.07
CA ARG A 43 10.91 13.35 -12.67
CA ARG A 43 10.92 13.32 -12.66
C ARG A 43 9.42 13.05 -12.53
N ARG A 44 9.07 11.80 -12.81
CA ARG A 44 7.70 11.34 -12.77
C ARG A 44 7.23 10.93 -11.36
N SER A 45 5.91 10.97 -11.18
CA SER A 45 5.34 10.36 -9.97
CA SER A 45 5.31 10.35 -9.99
C SER A 45 5.48 8.82 -10.11
N ALA A 46 5.51 8.14 -8.97
CA ALA A 46 5.68 6.71 -8.90
C ALA A 46 4.58 6.15 -8.00
N ILE A 47 4.24 4.90 -8.26
CA ILE A 47 3.29 4.21 -7.37
C ILE A 47 3.83 2.82 -7.11
N VAL A 48 3.78 2.40 -5.85
CA VAL A 48 4.28 1.09 -5.42
C VAL A 48 3.07 0.34 -4.82
N PHE A 49 2.69 -0.77 -5.44
CA PHE A 49 1.57 -1.59 -4.97
C PHE A 49 2.02 -2.79 -4.13
N PHE A 50 1.32 -3.02 -3.03
CA PHE A 50 1.53 -4.16 -2.13
C PHE A 50 0.29 -5.05 -2.19
N PHE A 51 0.53 -6.30 -2.61
CA PHE A 51 -0.54 -7.29 -2.75
C PHE A 51 -1.25 -7.63 -1.44
N GLY A 52 -2.45 -8.19 -1.55
CA GLY A 52 -3.23 -8.71 -0.42
C GLY A 52 -3.02 -10.20 -0.20
N GLY A 53 -3.60 -10.71 0.89
CA GLY A 53 -3.39 -12.12 1.27
C GLY A 53 -3.09 -12.36 2.73
N GLY A 54 -3.62 -11.53 3.61
CA GLY A 54 -3.57 -11.75 5.06
C GLY A 54 -2.21 -11.79 5.70
N TRP A 55 -1.22 -11.18 5.04
CA TRP A 55 0.18 -11.23 5.45
C TRP A 55 0.72 -12.66 5.46
N GLN A 56 0.02 -13.53 4.73
CA GLN A 56 0.30 -14.99 4.70
CA GLN A 56 0.29 -15.00 4.72
C GLN A 56 0.65 -15.51 3.32
N SER A 57 0.02 -14.95 2.30
CA SER A 57 0.19 -15.37 0.92
CA SER A 57 0.23 -15.36 0.91
C SER A 57 -0.06 -14.19 -0.02
N GLY A 58 -0.11 -14.44 -1.31
CA GLY A 58 -0.44 -13.44 -2.30
C GLY A 58 0.67 -13.31 -3.32
N SER A 59 0.45 -12.45 -4.31
CA SER A 59 1.43 -12.27 -5.37
C SER A 59 1.36 -10.87 -5.95
N PRO A 60 2.53 -10.29 -6.28
CA PRO A 60 2.55 -9.02 -6.98
C PRO A 60 1.72 -9.00 -8.26
N ALA A 61 1.45 -10.17 -8.85
CA ALA A 61 0.60 -10.23 -10.05
C ALA A 61 -0.77 -9.61 -9.85
N GLN A 62 -1.26 -9.60 -8.62
CA GLN A 62 -2.53 -8.99 -8.30
C GLN A 62 -2.66 -7.58 -8.88
N PHE A 63 -1.60 -6.79 -8.81
CA PHE A 63 -1.64 -5.40 -9.21
C PHE A 63 -0.96 -5.10 -10.54
N ARG A 64 -0.66 -6.15 -11.30
CA ARG A 64 -0.13 -5.96 -12.66
CA ARG A 64 -0.13 -6.01 -12.67
C ARG A 64 -1.04 -5.10 -13.53
N PRO A 65 -2.36 -5.35 -13.54
CA PRO A 65 -3.20 -4.49 -14.41
C PRO A 65 -3.18 -3.01 -14.03
N GLN A 66 -3.21 -2.72 -12.73
CA GLN A 66 -3.14 -1.34 -12.27
C GLN A 66 -1.78 -0.70 -12.60
N CYS A 67 -0.70 -1.49 -12.51
CA CYS A 67 0.60 -0.97 -12.91
C CYS A 67 0.62 -0.57 -14.38
N GLU A 68 0.07 -1.43 -15.22
CA GLU A 68 0.02 -1.14 -16.66
C GLU A 68 -0.80 0.13 -16.93
N TYR A 69 -1.91 0.28 -16.20
CA TYR A 69 -2.71 1.50 -16.33
C TYR A 69 -1.92 2.76 -15.98
N PHE A 70 -1.32 2.78 -14.79
CA PHE A 70 -0.62 3.98 -14.37
C PHE A 70 0.66 4.30 -15.16
N ALA A 71 1.35 3.25 -15.63
CA ALA A 71 2.47 3.47 -16.56
C ALA A 71 1.96 4.08 -17.87
N GLY A 72 0.81 3.63 -18.33
CA GLY A 72 0.11 4.28 -19.47
C GLY A 72 -0.19 5.76 -19.27
N ARG A 73 -0.43 6.18 -18.04
CA ARG A 73 -0.67 7.56 -17.70
C ARG A 73 0.59 8.36 -17.40
N GLY A 74 1.77 7.74 -17.50
CA GLY A 74 3.02 8.48 -17.31
C GLY A 74 3.73 8.30 -15.98
N MET A 75 3.22 7.42 -15.11
CA MET A 75 3.89 7.13 -13.84
C MET A 75 4.89 6.00 -14.01
N VAL A 76 5.85 5.95 -13.10
CA VAL A 76 6.65 4.75 -12.93
C VAL A 76 5.89 3.91 -11.91
N ALA A 77 5.33 2.79 -12.36
CA ALA A 77 4.41 1.99 -11.55
C ALA A 77 5.01 0.66 -11.27
N MET A 78 4.92 0.23 -10.01
CA MET A 78 5.57 -1.02 -9.68
CA MET A 78 5.70 -0.90 -9.52
C MET A 78 4.83 -1.79 -8.63
N ALA A 79 5.05 -3.09 -8.67
CA ALA A 79 4.46 -3.99 -7.70
C ALA A 79 5.57 -4.62 -6.90
N ALA A 80 5.50 -4.54 -5.57
CA ALA A 80 6.55 -5.03 -4.69
C ALA A 80 6.23 -6.39 -4.10
N ASP A 81 7.22 -7.28 -4.08
CA ASP A 81 7.13 -8.43 -3.25
C ASP A 81 7.46 -8.01 -1.80
N TYR A 82 6.97 -8.79 -0.85
CA TYR A 82 7.32 -8.61 0.57
C TYR A 82 7.18 -9.96 1.25
N ARG A 83 7.87 -10.14 2.37
CA ARG A 83 7.82 -11.44 3.03
C ARG A 83 6.43 -11.70 3.62
N VAL A 84 6.00 -12.97 3.58
CA VAL A 84 4.72 -13.39 4.10
C VAL A 84 4.87 -14.65 4.95
N GLY A 85 3.86 -14.91 5.76
CA GLY A 85 3.89 -16.02 6.70
C GLY A 85 4.10 -17.37 6.09
N SER A 86 3.39 -17.69 5.02
CA SER A 86 3.43 -19.05 4.44
C SER A 86 4.76 -19.40 3.80
N ARG A 87 5.44 -18.41 3.28
CA ARG A 87 6.71 -18.57 2.58
C ARG A 87 7.94 -18.30 3.43
N HIS A 88 7.84 -17.35 4.35
CA HIS A 88 8.98 -16.82 5.05
C HIS A 88 8.91 -16.90 6.58
N ASN A 89 7.77 -17.36 7.10
CA ASN A 89 7.54 -17.49 8.55
CA ASN A 89 7.56 -17.51 8.55
C ASN A 89 7.76 -16.19 9.30
N VAL A 90 7.35 -15.10 8.67
CA VAL A 90 7.44 -13.76 9.28
C VAL A 90 6.10 -13.39 9.91
N LYS A 91 6.11 -12.28 10.63
CA LYS A 91 4.92 -11.70 11.23
C LYS A 91 4.63 -10.34 10.59
N VAL A 92 3.47 -9.78 10.89
CA VAL A 92 3.03 -8.52 10.27
C VAL A 92 4.10 -7.44 10.35
N ALA A 93 4.78 -7.28 11.49
CA ALA A 93 5.79 -6.26 11.60
C ALA A 93 6.95 -6.39 10.58
N ASP A 94 7.29 -7.61 10.22
CA ASP A 94 8.30 -7.85 9.18
C ASP A 94 7.77 -7.31 7.81
N CYS A 95 6.53 -7.64 7.52
CA CYS A 95 5.89 -7.16 6.26
C CYS A 95 5.97 -5.64 6.21
N VAL A 96 5.68 -4.98 7.34
CA VAL A 96 5.72 -3.52 7.40
C VAL A 96 7.12 -3.01 7.12
N ALA A 97 8.14 -3.64 7.74
CA ALA A 97 9.52 -3.27 7.44
C ALA A 97 9.88 -3.40 5.95
N ASP A 98 9.39 -4.47 5.33
CA ASP A 98 9.66 -4.65 3.89
C ASP A 98 8.99 -3.54 3.06
N ALA A 99 7.73 -3.22 3.35
CA ALA A 99 7.06 -2.13 2.62
C ALA A 99 7.79 -0.82 2.78
N LYS A 100 8.21 -0.53 4.00
CA LYS A 100 9.00 0.68 4.21
C LYS A 100 10.34 0.65 3.46
N SER A 101 10.99 -0.49 3.44
CA SER A 101 12.22 -0.67 2.66
C SER A 101 12.01 -0.42 1.18
N ALA A 102 10.84 -0.82 0.67
CA ALA A 102 10.55 -0.58 -0.74
C ALA A 102 10.41 0.91 -1.07
N ILE A 103 9.68 1.66 -0.24
CA ILE A 103 9.53 3.10 -0.47
C ILE A 103 10.91 3.76 -0.35
N ARG A 104 11.68 3.39 0.68
CA ARG A 104 13.05 3.91 0.89
CA ARG A 104 13.01 3.98 0.85
C ARG A 104 13.90 3.71 -0.36
N TRP A 105 13.83 2.49 -0.90
CA TRP A 105 14.63 2.13 -2.07
C TRP A 105 14.24 2.95 -3.28
N VAL A 106 12.93 3.10 -3.53
CA VAL A 106 12.48 3.92 -4.63
C VAL A 106 12.96 5.36 -4.48
N ARG A 107 12.89 5.90 -3.26
CA ARG A 107 13.36 7.25 -3.00
C ARG A 107 14.88 7.37 -3.21
N GLN A 108 15.61 6.42 -2.66
CA GLN A 108 17.07 6.38 -2.79
CA GLN A 108 17.09 6.37 -2.79
C GLN A 108 17.48 6.33 -4.26
N HIS A 109 16.74 5.56 -5.05
CA HIS A 109 17.02 5.34 -6.47
C HIS A 109 16.17 6.18 -7.44
N ALA A 110 15.58 7.25 -6.91
CA ALA A 110 14.60 8.01 -7.67
C ALA A 110 15.21 8.55 -8.95
N ALA A 111 16.45 9.02 -8.87
CA ALA A 111 17.08 9.62 -10.05
C ALA A 111 17.16 8.63 -11.21
N GLU A 112 17.70 7.44 -10.95
CA GLU A 112 17.81 6.47 -12.04
CA GLU A 112 17.82 6.36 -11.95
C GLU A 112 16.48 5.89 -12.51
N LEU A 113 15.47 5.93 -11.64
CA LEU A 113 14.13 5.52 -12.00
C LEU A 113 13.35 6.58 -12.78
N GLY A 114 13.88 7.78 -12.94
CA GLY A 114 13.17 8.89 -13.57
C GLY A 114 11.99 9.36 -12.73
N VAL A 115 12.17 9.37 -11.40
CA VAL A 115 11.10 9.62 -10.43
C VAL A 115 11.39 10.85 -9.60
N ASP A 116 10.34 11.61 -9.32
CA ASP A 116 10.38 12.68 -8.36
C ASP A 116 10.28 12.05 -6.97
N PRO A 117 11.33 12.19 -6.14
CA PRO A 117 11.30 11.55 -4.82
C PRO A 117 10.25 12.06 -3.83
N GLN A 118 9.56 13.16 -4.14
CA GLN A 118 8.47 13.62 -3.28
CA GLN A 118 8.48 13.74 -3.35
C GLN A 118 7.10 13.36 -3.91
N LYS A 119 7.06 12.47 -4.91
CA LYS A 119 5.78 12.05 -5.49
CA LYS A 119 5.78 12.06 -5.51
C LYS A 119 5.67 10.53 -5.60
N ILE A 120 5.98 9.87 -4.50
CA ILE A 120 5.91 8.43 -4.41
C ILE A 120 4.63 8.03 -3.68
N VAL A 121 3.77 7.27 -4.36
CA VAL A 121 2.48 6.85 -3.82
C VAL A 121 2.60 5.39 -3.38
N ALA A 122 2.12 5.11 -2.16
CA ALA A 122 2.01 3.73 -1.69
C ALA A 122 0.56 3.27 -1.88
N SER A 123 0.39 2.05 -2.35
CA SER A 123 -0.95 1.52 -2.60
C SER A 123 -0.98 0.03 -2.29
N GLY A 124 -2.17 -0.49 -2.03
CA GLY A 124 -2.30 -1.95 -1.89
C GLY A 124 -3.68 -2.37 -1.55
N GLY A 125 -3.88 -3.69 -1.54
CA GLY A 125 -5.15 -4.27 -1.21
C GLY A 125 -5.12 -5.05 0.08
N SER A 126 -6.11 -4.81 0.96
CA SER A 126 -6.31 -5.61 2.17
C SER A 126 -5.05 -5.55 3.04
N ALA A 127 -4.39 -6.66 3.32
CA ALA A 127 -3.11 -6.61 4.05
C ALA A 127 -2.09 -5.68 3.41
N GLY A 128 -2.07 -5.64 2.09
CA GLY A 128 -1.17 -4.72 1.39
C GLY A 128 -1.58 -3.27 1.49
N GLY A 129 -2.87 -3.01 1.63
CA GLY A 129 -3.40 -1.69 1.92
C GLY A 129 -3.01 -1.25 3.32
N HIS A 130 -3.05 -2.19 4.26
CA HIS A 130 -2.48 -1.96 5.59
C HIS A 130 -1.00 -1.52 5.49
N LEU A 131 -0.22 -2.26 4.71
CA LEU A 131 1.19 -1.90 4.56
C LEU A 131 1.39 -0.51 3.97
N ALA A 132 0.64 -0.21 2.90
CA ALA A 132 0.69 1.12 2.30
C ALA A 132 0.38 2.21 3.32
N ALA A 133 -0.67 2.01 4.11
CA ALA A 133 -1.04 2.97 5.16
C ALA A 133 0.09 3.11 6.19
N CYS A 134 0.73 2.00 6.53
CA CYS A 134 1.89 2.06 7.48
C CYS A 134 3.00 2.87 6.92
N THR A 135 3.24 2.79 5.62
CA THR A 135 4.30 3.62 5.04
C THR A 135 4.03 5.12 5.07
N VAL A 136 2.76 5.52 5.14
CA VAL A 136 2.38 6.93 5.19
CA VAL A 136 2.47 6.96 5.20
C VAL A 136 2.35 7.47 6.62
N MET A 137 1.99 6.63 7.57
CA MET A 137 1.68 7.19 8.89
C MET A 137 2.17 6.51 10.13
N VAL A 138 2.78 5.33 10.05
CA VAL A 138 3.25 4.62 11.23
CA VAL A 138 3.27 4.68 11.27
C VAL A 138 4.77 4.82 11.31
N PRO A 139 5.32 5.10 12.52
CA PRO A 139 6.78 5.18 12.59
C PRO A 139 7.49 3.87 12.20
N ASP A 140 8.68 3.98 11.61
CA ASP A 140 9.55 2.83 11.35
C ASP A 140 9.77 2.12 12.67
N LEU A 141 9.65 0.81 12.67
CA LEU A 141 9.87 -0.01 13.89
C LEU A 141 11.28 -0.59 13.94
N GLU A 142 11.97 -0.62 12.82
CA GLU A 142 13.31 -1.13 12.77
C GLU A 142 14.14 -0.33 11.78
N ALA A 143 15.44 -0.35 11.98
CA ALA A 143 16.38 0.23 11.06
C ALA A 143 17.12 -0.92 10.39
N PRO A 144 16.60 -1.43 9.25
CA PRO A 144 17.43 -2.44 8.56
C PRO A 144 18.69 -1.84 7.89
N GLU A 145 19.45 -2.71 7.22
CA GLU A 145 20.74 -2.35 6.62
C GLU A 145 20.44 -1.56 5.33
N GLU A 146 20.16 -0.27 5.53
CA GLU A 146 19.71 0.63 4.45
C GLU A 146 19.87 2.09 4.87
N ASP A 147 19.71 2.99 3.92
CA ASP A 147 20.00 4.41 4.15
C ASP A 147 18.90 5.08 4.99
N HIS A 148 19.13 5.19 6.29
CA HIS A 148 18.14 5.81 7.18
C HIS A 148 18.16 7.34 7.24
N THR A 149 19.08 7.96 6.51
CA THR A 149 18.93 9.38 6.18
C THR A 149 17.83 9.58 5.11
N ILE A 150 17.54 8.54 4.31
CA ILE A 150 16.43 8.60 3.33
C ILE A 150 15.14 8.14 3.99
N SER A 151 14.12 8.96 3.90
CA SER A 151 12.80 8.67 4.49
C SER A 151 12.11 7.48 3.80
N SER A 152 11.43 6.67 4.59
CA SER A 152 10.56 5.60 4.10
C SER A 152 9.13 6.09 3.88
N GLN A 153 8.83 7.35 4.16
CA GLN A 153 7.44 7.79 4.18
C GLN A 153 6.95 8.09 2.78
N ALA A 154 5.87 7.44 2.39
CA ALA A 154 5.27 7.75 1.11
C ALA A 154 4.61 9.14 1.11
N ASN A 155 4.47 9.72 -0.08
CA ASN A 155 3.90 11.08 -0.23
C ASN A 155 2.39 11.12 -0.41
N ALA A 156 1.77 9.95 -0.59
CA ALA A 156 0.34 9.81 -0.72
C ALA A 156 0.02 8.32 -0.66
N ALA A 157 -1.25 7.99 -0.46
CA ALA A 157 -1.65 6.58 -0.50
C ALA A 157 -2.97 6.37 -1.24
N ILE A 158 -3.10 5.21 -1.88
CA ILE A 158 -4.33 4.77 -2.53
C ILE A 158 -4.63 3.38 -2.01
N LEU A 159 -5.70 3.25 -1.22
CA LEU A 159 -5.92 2.04 -0.46
C LEU A 159 -7.17 1.30 -0.94
N PHE A 160 -7.02 0.01 -1.21
CA PHE A 160 -8.12 -0.84 -1.62
C PHE A 160 -8.47 -1.78 -0.47
N ASN A 161 -9.70 -1.61 0.08
CA ASN A 161 -10.14 -2.28 1.32
C ASN A 161 -9.04 -2.65 2.31
N PRO A 162 -8.38 -1.64 2.86
CA PRO A 162 -7.26 -1.88 3.75
C PRO A 162 -7.73 -2.33 5.13
N VAL A 163 -6.82 -2.95 5.88
CA VAL A 163 -6.98 -3.12 7.32
C VAL A 163 -6.32 -1.92 7.98
N LEU A 164 -7.10 -1.14 8.75
CA LEU A 164 -6.60 0.07 9.37
C LEU A 164 -6.60 0.12 10.90
N ILE A 165 -7.35 -0.77 11.54
CA ILE A 165 -7.44 -0.81 13.00
C ILE A 165 -6.97 -2.20 13.42
N LEU A 166 -5.83 -2.25 14.11
CA LEU A 166 -5.25 -3.52 14.54
C LEU A 166 -5.12 -3.64 16.07
N SER A 167 -5.61 -2.64 16.78
CA SER A 167 -5.67 -2.70 18.26
C SER A 167 -7.06 -2.23 18.65
N ARG A 168 -7.59 -2.72 19.77
CA ARG A 168 -8.88 -2.24 20.29
CA ARG A 168 -8.88 -2.24 20.30
C ARG A 168 -8.75 -1.10 21.32
N GLU A 169 -7.53 -0.63 21.58
CA GLU A 169 -7.33 0.49 22.51
C GLU A 169 -8.05 1.75 22.01
N GLY A 170 -8.82 2.41 22.89
CA GLY A 170 -9.61 3.56 22.47
C GLY A 170 -10.81 3.30 21.59
N LEU A 171 -11.35 2.08 21.62
CA LEU A 171 -12.61 1.72 20.96
C LEU A 171 -13.64 1.28 22.04
N LYS A 172 -14.85 0.90 21.61
CA LYS A 172 -15.91 0.45 22.54
C LYS A 172 -16.21 -1.04 22.35
N PRO A 176 -9.79 -1.72 25.85
CA PRO A 176 -8.46 -2.29 25.67
C PRO A 176 -8.31 -3.58 26.50
N ARG A 177 -9.05 -4.62 26.12
CA ARG A 177 -9.07 -5.88 26.87
C ARG A 177 -7.76 -6.66 26.71
N GLN A 178 -7.14 -7.00 27.84
CA GLN A 178 -5.74 -7.45 27.90
C GLN A 178 -5.38 -8.67 27.03
N ASP A 179 -6.07 -9.79 27.23
CA ASP A 179 -5.66 -11.05 26.57
C ASP A 179 -5.71 -10.98 25.04
N TRP A 180 -6.69 -10.23 24.51
CA TRP A 180 -6.83 -10.03 23.06
C TRP A 180 -5.68 -9.20 22.51
N GLU A 181 -5.24 -8.18 23.27
CA GLU A 181 -4.09 -7.37 22.84
CA GLU A 181 -4.06 -7.36 22.90
C GLU A 181 -2.79 -8.21 22.92
N GLU A 182 -2.68 -9.09 23.92
CA GLU A 182 -1.51 -9.98 24.05
CA GLU A 182 -1.53 -10.00 24.07
C GLU A 182 -1.44 -11.02 22.92
N ARG A 183 -2.60 -11.53 22.51
CA ARG A 183 -2.68 -12.43 21.35
CA ARG A 183 -2.69 -12.44 21.34
C ARG A 183 -2.32 -11.71 20.05
N LEU A 184 -2.76 -10.45 19.93
CA LEU A 184 -2.36 -9.62 18.78
C LEU A 184 -0.84 -9.41 18.78
N ARG A 185 -0.26 -9.12 19.95
CA ARG A 185 1.20 -8.94 20.04
C ARG A 185 1.97 -10.15 19.48
N GLU A 186 1.53 -11.36 19.82
CA GLU A 186 2.26 -12.55 19.35
CA GLU A 186 2.17 -12.61 19.35
C GLU A 186 2.07 -12.77 17.84
N ARG A 187 0.91 -12.43 17.31
CA ARG A 187 0.62 -12.56 15.88
CA ARG A 187 0.65 -12.59 15.87
C ARG A 187 1.35 -11.50 15.05
N LEU A 188 1.42 -10.29 15.59
CA LEU A 188 1.93 -9.14 14.85
C LEU A 188 3.44 -8.95 14.95
N GLY A 189 4.07 -9.48 16.00
CA GLY A 189 5.50 -9.30 16.19
C GLY A 189 5.89 -7.98 16.85
N THR A 190 4.92 -7.31 17.47
CA THR A 190 5.12 -6.03 18.11
C THR A 190 3.84 -5.66 18.90
N GLU A 191 3.91 -4.54 19.59
CA GLU A 191 2.73 -4.00 20.26
CA GLU A 191 2.76 -3.91 20.23
C GLU A 191 1.71 -3.69 19.14
N PRO A 192 0.47 -4.17 19.30
CA PRO A 192 -0.53 -3.98 18.23
C PRO A 192 -0.70 -2.53 17.76
N LYS A 193 -0.68 -1.57 18.67
CA LYS A 193 -0.81 -0.15 18.25
CA LYS A 193 -0.78 -0.14 18.30
C LYS A 193 0.31 0.32 17.32
N ALA A 194 1.49 -0.30 17.39
CA ALA A 194 2.64 0.13 16.62
C ALA A 194 2.48 -0.20 15.13
N VAL A 195 1.55 -1.11 14.81
CA VAL A 195 1.21 -1.40 13.39
C VAL A 195 -0.27 -1.16 13.09
N SER A 196 -0.91 -0.25 13.84
CA SER A 196 -2.31 0.07 13.67
C SER A 196 -2.45 1.52 13.17
N PRO A 197 -2.69 1.71 11.85
CA PRO A 197 -2.72 3.08 11.34
C PRO A 197 -3.68 4.01 12.11
N TYR A 198 -4.85 3.52 12.47
CA TYR A 198 -5.84 4.31 13.23
C TYR A 198 -5.23 4.97 14.47
N HIS A 199 -4.31 4.24 15.13
CA HIS A 199 -3.65 4.75 16.34
C HIS A 199 -2.56 5.77 16.12
N HIS A 200 -2.28 6.11 14.87
CA HIS A 200 -1.31 7.10 14.50
C HIS A 200 -1.87 8.29 13.75
N ILE A 201 -3.19 8.44 13.80
CA ILE A 201 -3.85 9.60 13.21
C ILE A 201 -3.39 10.87 13.93
N ARG A 202 -2.87 11.80 13.15
CA ARG A 202 -2.44 13.10 13.62
CA ARG A 202 -2.47 13.10 13.64
C ARG A 202 -2.54 14.09 12.47
N ALA A 203 -2.48 15.38 12.77
CA ALA A 203 -2.39 16.38 11.71
C ALA A 203 -1.10 16.29 10.92
N GLY A 204 -1.16 16.80 9.69
CA GLY A 204 -0.01 16.95 8.84
C GLY A 204 0.38 15.70 8.06
N LEU A 205 -0.53 14.76 7.88
CA LEU A 205 -0.21 13.51 7.15
C LEU A 205 -0.41 13.65 5.65
N PRO A 206 0.27 12.79 4.87
CA PRO A 206 0.02 12.74 3.44
C PRO A 206 -1.42 12.41 3.07
N PRO A 207 -1.86 12.86 1.89
CA PRO A 207 -3.20 12.62 1.43
C PRO A 207 -3.44 11.20 1.00
N MET A 208 -4.69 10.80 1.07
CA MET A 208 -5.07 9.46 0.68
C MET A 208 -6.49 9.35 0.19
N ILE A 209 -6.72 8.32 -0.61
CA ILE A 209 -8.05 7.89 -1.05
C ILE A 209 -8.20 6.40 -0.69
N ILE A 210 -9.41 6.03 -0.27
CA ILE A 210 -9.71 4.70 0.20
C ILE A 210 -10.98 4.20 -0.50
N PHE A 211 -10.93 2.98 -1.05
CA PHE A 211 -12.09 2.32 -1.70
C PHE A 211 -12.48 1.15 -0.81
N HIS A 212 -13.72 1.11 -0.34
CA HIS A 212 -14.12 0.02 0.59
C HIS A 212 -15.58 -0.36 0.36
N GLY A 213 -15.87 -1.65 0.37
CA GLY A 213 -17.24 -2.15 0.21
C GLY A 213 -18.05 -2.02 1.48
N THR A 214 -19.32 -1.63 1.36
CA THR A 214 -20.14 -1.51 2.57
C THR A 214 -20.62 -2.87 3.11
N ALA A 215 -20.54 -3.93 2.30
CA ALA A 215 -20.87 -5.29 2.76
C ALA A 215 -19.64 -6.15 3.05
N ASP A 216 -18.52 -5.52 3.39
CA ASP A 216 -17.29 -6.24 3.70
C ASP A 216 -17.42 -6.94 5.07
N ASN A 217 -17.31 -8.26 5.04
CA ASN A 217 -17.35 -9.09 6.25
C ASN A 217 -15.97 -9.42 6.79
N THR A 218 -14.92 -8.99 6.09
CA THR A 218 -13.53 -9.29 6.48
C THR A 218 -12.97 -8.09 7.26
N VAL A 219 -13.08 -6.91 6.67
CA VAL A 219 -12.78 -5.68 7.33
C VAL A 219 -14.05 -4.86 7.32
N PRO A 220 -14.75 -4.77 8.46
CA PRO A 220 -16.00 -3.99 8.48
C PRO A 220 -15.83 -2.53 8.00
N PHE A 221 -16.70 -2.11 7.08
CA PHE A 221 -16.74 -0.72 6.63
C PHE A 221 -16.71 0.30 7.77
N GLU A 222 -17.38 0.01 8.89
CA GLU A 222 -17.39 0.94 10.01
CA GLU A 222 -17.40 0.90 10.06
C GLU A 222 -16.01 1.29 10.55
N THR A 223 -15.05 0.35 10.48
CA THR A 223 -13.68 0.65 10.92
C THR A 223 -13.06 1.74 10.03
N ILE A 224 -13.34 1.63 8.76
CA ILE A 224 -12.80 2.57 7.76
C ILE A 224 -13.50 3.93 7.83
N ARG A 225 -14.82 3.93 8.08
CA ARG A 225 -15.56 5.17 8.30
CA ARG A 225 -15.58 5.16 8.32
C ARG A 225 -15.00 5.92 9.50
N LEU A 226 -14.76 5.20 10.61
CA LEU A 226 -14.17 5.81 11.81
CA LEU A 226 -14.16 5.78 11.81
C LEU A 226 -12.81 6.39 11.52
N PHE A 227 -11.98 5.63 10.80
CA PHE A 227 -10.65 6.12 10.40
C PHE A 227 -10.75 7.43 9.63
N ALA A 228 -11.57 7.42 8.58
CA ALA A 228 -11.69 8.55 7.68
C ALA A 228 -12.26 9.80 8.38
N GLU A 229 -13.26 9.59 9.25
CA GLU A 229 -13.80 10.68 10.04
CA GLU A 229 -13.82 10.67 10.08
C GLU A 229 -12.74 11.32 10.93
N ALA A 230 -11.95 10.49 11.62
CA ALA A 230 -10.88 11.00 12.48
C ALA A 230 -9.79 11.68 11.69
N MET A 231 -9.42 11.13 10.53
CA MET A 231 -8.45 11.80 9.68
C MET A 231 -8.89 13.20 9.21
N LYS A 232 -10.15 13.29 8.82
CA LYS A 232 -10.76 14.55 8.39
C LYS A 232 -10.79 15.54 9.56
N LYS A 233 -11.12 15.07 10.75
CA LYS A 233 -11.06 15.92 11.98
CA LYS A 233 -11.08 15.95 11.94
C LYS A 233 -9.67 16.46 12.27
N ALA A 234 -8.63 15.69 11.89
CA ALA A 234 -7.25 16.12 12.04
C ALA A 234 -6.73 17.02 10.90
N GLY A 235 -7.58 17.30 9.92
CA GLY A 235 -7.25 18.20 8.84
C GLY A 235 -6.60 17.54 7.63
N ASN A 236 -6.60 16.20 7.62
CA ASN A 236 -5.99 15.49 6.50
C ASN A 236 -6.98 15.29 5.36
N ARG A 237 -6.45 15.18 4.14
CA ARG A 237 -7.24 14.80 2.99
CA ARG A 237 -7.24 14.80 2.99
C ARG A 237 -7.32 13.28 2.98
N CYS A 238 -8.49 12.77 3.29
CA CYS A 238 -8.75 11.33 3.36
C CYS A 238 -10.09 11.06 2.74
N GLU A 239 -10.08 10.72 1.44
CA GLU A 239 -11.27 10.53 0.67
C GLU A 239 -11.75 9.09 0.75
N LEU A 240 -12.98 8.88 1.25
CA LEU A 240 -13.52 7.56 1.42
C LEU A 240 -14.60 7.34 0.40
N VAL A 241 -14.38 6.38 -0.49
CA VAL A 241 -15.33 5.99 -1.53
C VAL A 241 -15.96 4.64 -1.18
N PRO A 242 -17.21 4.66 -0.67
CA PRO A 242 -17.91 3.42 -0.41
C PRO A 242 -18.41 2.77 -1.68
N PHE A 243 -18.35 1.45 -1.70
CA PHE A 243 -18.95 0.66 -2.76
C PHE A 243 -20.11 -0.11 -2.17
N GLU A 244 -21.32 0.44 -2.39
CA GLU A 244 -22.54 -0.11 -1.81
CA GLU A 244 -22.54 -0.12 -1.79
C GLU A 244 -22.72 -1.60 -2.13
N GLY A 245 -22.85 -2.41 -1.09
CA GLY A 245 -23.07 -3.84 -1.24
C GLY A 245 -21.88 -4.68 -1.64
N ALA A 246 -20.70 -4.06 -1.76
CA ALA A 246 -19.52 -4.80 -2.20
C ALA A 246 -18.84 -5.46 -1.03
N ALA A 247 -18.14 -6.55 -1.32
CA ALA A 247 -17.44 -7.30 -0.29
C ALA A 247 -15.93 -7.17 -0.47
N HIS A 248 -15.19 -7.78 0.46
CA HIS A 248 -13.70 -7.75 0.40
C HIS A 248 -13.18 -8.30 -0.93
N GLY A 249 -12.26 -7.58 -1.58
CA GLY A 249 -11.74 -7.96 -2.87
C GLY A 249 -12.49 -7.49 -4.12
N PHE A 250 -13.56 -6.72 -3.92
CA PHE A 250 -14.46 -6.24 -5.02
C PHE A 250 -13.76 -5.51 -6.16
N PHE A 251 -12.62 -4.86 -5.86
CA PHE A 251 -11.94 -3.94 -6.78
C PHE A 251 -11.06 -4.63 -7.81
N ASN A 252 -10.81 -5.93 -7.64
CA ASN A 252 -9.80 -6.60 -8.42
C ASN A 252 -10.13 -6.71 -9.90
N PHE A 253 -9.09 -6.63 -10.73
CA PHE A 253 -9.24 -6.99 -12.15
C PHE A 253 -9.83 -8.38 -12.26
N GLY A 254 -10.77 -8.55 -13.17
CA GLY A 254 -11.34 -9.88 -13.45
C GLY A 254 -12.55 -10.30 -12.63
N ARG A 255 -13.09 -9.39 -11.82
CA ARG A 255 -14.24 -9.58 -10.92
CA ARG A 255 -14.35 -9.70 -11.12
C ARG A 255 -15.39 -8.62 -11.29
N GLY A 256 -16.64 -9.02 -11.06
CA GLY A 256 -17.82 -8.16 -11.27
C GLY A 256 -17.83 -7.39 -12.58
N ASP A 257 -17.51 -8.10 -13.68
CA ASP A 257 -17.43 -7.53 -15.04
C ASP A 257 -16.41 -6.39 -15.19
N ASN A 258 -15.40 -6.36 -14.30
CA ASN A 258 -14.44 -5.27 -14.22
C ASN A 258 -15.00 -3.88 -13.92
N LEU A 259 -16.25 -3.78 -13.44
CA LEU A 259 -16.85 -2.47 -13.25
C LEU A 259 -16.17 -1.69 -12.10
N ALA A 260 -15.97 -2.37 -10.98
CA ALA A 260 -15.34 -1.73 -9.83
C ALA A 260 -13.87 -1.48 -10.10
N TYR A 261 -13.22 -2.42 -10.76
CA TYR A 261 -11.86 -2.19 -11.27
C TYR A 261 -11.72 -0.88 -12.03
N GLN A 262 -12.57 -0.68 -13.05
CA GLN A 262 -12.51 0.55 -13.83
CA GLN A 262 -12.53 0.55 -13.83
C GLN A 262 -12.84 1.79 -12.98
N LYS A 263 -13.84 1.67 -12.13
CA LYS A 263 -14.28 2.79 -11.33
C LYS A 263 -13.22 3.23 -10.31
N THR A 264 -12.62 2.24 -9.65
CA THR A 264 -11.55 2.61 -8.72
C THR A 264 -10.38 3.27 -9.43
N LEU A 265 -10.00 2.80 -10.63
CA LEU A 265 -8.93 3.45 -11.36
C LEU A 265 -9.25 4.86 -11.75
N GLU A 266 -10.49 5.07 -12.23
CA GLU A 266 -10.96 6.40 -12.61
CA GLU A 266 -10.94 6.40 -12.61
C GLU A 266 -10.83 7.37 -11.44
N LEU A 267 -11.33 6.95 -10.29
CA LEU A 267 -11.33 7.80 -9.11
C LEU A 267 -9.91 8.00 -8.53
N ALA A 268 -9.10 6.95 -8.60
CA ALA A 268 -7.70 7.06 -8.15
C ALA A 268 -6.94 8.04 -9.04
N ASP A 269 -7.16 7.93 -10.36
CA ASP A 269 -6.56 8.86 -11.32
C ASP A 269 -6.94 10.31 -10.99
N GLU A 270 -8.23 10.58 -10.78
CA GLU A 270 -8.61 11.95 -10.44
CA GLU A 270 -8.67 11.93 -10.43
C GLU A 270 -8.02 12.42 -9.13
N PHE A 271 -7.90 11.53 -8.15
CA PHE A 271 -7.25 11.89 -6.89
C PHE A 271 -5.81 12.32 -7.14
N LEU A 272 -5.09 11.55 -7.97
CA LEU A 272 -3.71 11.89 -8.27
C LEU A 272 -3.57 13.23 -9.03
N VAL A 273 -4.54 13.54 -9.87
CA VAL A 273 -4.57 14.86 -10.53
C VAL A 273 -4.82 15.95 -9.49
N GLU A 274 -5.79 15.72 -8.61
CA GLU A 274 -6.16 16.64 -7.53
C GLU A 274 -4.99 17.03 -6.65
N ILE A 275 -4.12 16.06 -6.31
CA ILE A 275 -2.99 16.34 -5.47
C ILE A 275 -1.73 16.76 -6.24
N GLY A 276 -1.82 16.90 -7.56
CA GLY A 276 -0.70 17.37 -8.37
C GLY A 276 0.35 16.34 -8.72
N PHE A 277 -0.02 15.06 -8.67
CA PHE A 277 0.93 13.97 -9.01
C PHE A 277 0.78 13.49 -10.45
N LEU A 278 -0.34 13.77 -11.09
CA LEU A 278 -0.59 13.43 -12.48
C LEU A 278 -1.11 14.66 -13.18
N ALA A 279 -0.72 14.83 -14.44
CA ALA A 279 -1.30 15.86 -15.29
C ALA A 279 -2.73 15.44 -15.62
N PRO A 280 -3.66 16.42 -15.75
CA PRO A 280 -5.00 16.07 -16.21
C PRO A 280 -4.96 15.31 -17.54
N LYS A 281 -5.94 14.41 -17.75
CA LYS A 281 -6.01 13.67 -19.02
C LYS A 281 -6.08 14.58 -20.26
N GLY A 282 -6.60 15.80 -20.09
CA GLY A 282 -6.61 16.81 -21.15
C GLY A 282 -5.29 17.39 -21.64
N GLU A 283 -4.23 16.57 -21.68
CA GLU A 283 -3.00 16.87 -22.43
C GLU A 283 -2.17 15.61 -22.65
N1 EPE B . -9.81 -11.42 -0.07
C2 EPE B . -9.06 -12.66 0.17
C3 EPE B . -9.57 -13.16 1.53
N4 EPE B . -11.04 -13.38 1.59
C5 EPE B . -11.86 -12.39 0.83
C6 EPE B . -11.19 -11.82 -0.41
C7 EPE B . -11.44 -13.41 3.03
C8 EPE B . -12.88 -13.90 3.26
O8 EPE B . -13.02 -15.27 2.87
C9 EPE B . -9.23 -10.54 -1.11
C10 EPE B . -7.90 -9.83 -0.77
S EPE B . -7.81 -8.41 -1.67
O1S EPE B . -8.76 -7.51 -1.02
O2S EPE B . -8.16 -8.76 -3.05
O3S EPE B . -6.42 -7.90 -1.65
O1 PE8 C . 6.39 8.24 20.49
C2 PE8 C . 6.50 6.87 20.90
C3 PE8 C . 7.66 6.23 20.14
O4 PE8 C . 7.27 5.97 18.77
C5 PE8 C . 8.34 6.05 17.82
C6 PE8 C . 8.31 7.40 17.10
O7 PE8 C . 9.62 7.91 16.83
C8 PE8 C . 10.46 7.12 15.99
C9 PE8 C . 10.36 7.63 14.58
O10 PE8 C . 10.92 6.68 13.67
C11 PE8 C . 11.18 7.20 12.36
C12 PE8 C . 10.04 6.77 11.48
O13 PE8 C . 10.04 7.39 10.20
C14 PE8 C . 8.93 7.01 9.35
C15 PE8 C . 7.71 7.75 9.84
O16 PE8 C . 6.62 7.73 8.92
C17 PE8 C . 5.39 8.18 9.53
C18 PE8 C . 5.56 9.61 9.99
O19 PE8 C . 4.31 10.26 10.17
C20 PE8 C . 4.43 11.63 10.60
C21 PE8 C . 4.87 12.62 9.53
O22 PE8 C . 3.76 13.25 8.87
C23 PE8 C . 4.00 13.74 7.53
C24 PE8 C . 5.09 14.81 7.44
O25 PE8 C . 6.27 14.28 6.83
C1 PEG D . -4.49 -10.67 12.34
O1 PEG D . -4.66 -9.34 12.82
C2 PEG D . -3.01 -10.98 12.28
O2 PEG D . -2.75 -12.16 11.51
C3 PEG D . -1.43 -12.13 10.98
C4 PEG D . -1.10 -13.43 10.24
O4 PEG D . 0.33 -13.59 10.18
C1 PEG E . -8.21 -9.19 9.49
O1 PEG E . -7.59 -8.45 10.54
C2 PEG E . -7.61 -8.79 8.15
O2 PEG E . -7.88 -9.79 7.19
C3 PEG E . -6.79 -10.10 6.33
C4 PEG E . -7.23 -11.20 5.36
O4 PEG E . -7.71 -12.34 6.07
C1 PGE F . 8.99 12.20 2.72
O1 PGE F . 9.82 12.54 1.60
C2 PGE F . 7.91 13.23 2.78
O2 PGE F . 6.68 12.67 3.16
C3 PGE F . 5.76 13.70 3.53
C4 PGE F . 4.61 13.74 2.55
O4 PGE F . 2.32 15.08 -0.59
C6 PGE F . 2.49 15.02 0.83
C5 PGE F . 3.84 15.60 1.27
O3 PGE F . 4.86 14.59 1.43
C1 PGE G . 19.78 -1.15 0.99
O1 PGE G . 21.21 -1.08 1.05
C2 PGE G . 19.30 -1.52 -0.41
O2 PGE G . 19.55 -2.89 -0.69
C3 PGE G . 19.39 -3.22 -2.07
C4 PGE G . 19.43 -4.73 -2.28
O4 PGE G . 21.00 -7.27 -4.75
C6 PGE G . 20.72 -5.87 -4.93
C5 PGE G . 21.31 -4.99 -3.84
O3 PGE G . 20.76 -5.21 -2.53
C1 EDO H . 9.91 1.17 -21.42
O1 EDO H . 8.54 1.08 -21.80
C2 EDO H . 10.44 2.55 -21.74
O2 EDO H . 11.60 2.43 -22.58
C1 EDO I . -9.31 -4.47 16.11
O1 EDO I . -8.77 -5.76 16.44
C2 EDO I . -10.64 -4.59 15.38
O2 EDO I . -11.55 -3.60 15.84
C1 EDO J . -9.50 1.95 -16.35
O1 EDO J . -9.86 0.82 -17.16
C2 EDO J . -10.02 3.22 -17.00
O2 EDO J . -10.20 4.25 -16.02
C1 EDO K . -6.44 8.43 17.26
O1 EDO K . -6.18 7.26 18.04
C2 EDO K . -7.93 8.54 17.04
O2 EDO K . -8.29 9.93 16.94
C1 EDO L . -5.98 -2.60 -17.86
O1 EDO L . -6.49 -1.42 -17.26
C2 EDO L . -4.48 -2.47 -18.05
O2 EDO L . -3.94 -3.78 -18.24
C1 EDO M . -5.71 -10.75 -10.24
O1 EDO M . -6.97 -10.36 -9.69
C2 EDO M . -5.34 -9.89 -11.43
O2 EDO M . -4.56 -10.67 -12.35
C1 EDO N . 4.02 15.86 -12.35
O1 EDO N . 4.43 14.52 -12.03
C2 EDO N . 2.58 15.92 -12.84
O2 EDO N . 2.00 17.21 -12.58
C1 EDO O . 7.69 -21.93 6.90
O1 EDO O . 6.36 -21.44 7.00
C2 EDO O . 8.34 -21.42 5.61
O2 EDO O . 9.62 -20.82 5.93
CL CL P . -16.20 -10.04 2.73
CL CL Q . -3.04 17.59 1.89
#